data_1IJS
#
_entry.id   1IJS
#
_cell.length_a   267.600
_cell.length_b   268.500
_cell.length_c   274.300
_cell.angle_alpha   61.90
_cell.angle_beta   62.60
_cell.angle_gamma   60.20
#
_symmetry.space_group_name_H-M   'P 1'
#
loop_
_entity.id
_entity.type
_entity.pdbx_description
1 polymer "DNA (5'-D(*CP*CP*AP*CP*CP*CP*CP*AP*A)-3')"
2 polymer "DNA (5'-D(*AP*C)-3')"
3 polymer 'PROTEIN (PARVOVIRUS COAT PROTEIN)'
#
loop_
_entity_poly.entity_id
_entity_poly.type
_entity_poly.pdbx_seq_one_letter_code
_entity_poly.pdbx_strand_id
1 'polydeoxyribonucleotide' (DC)(DC)(DA)(DC)(DC)(DC)(DC)(DA)(DA) N
2 'polydeoxyribonucleotide' (DA)(DC) A
3 'polypeptide(L)'
;MSDGAVQPDGGQPAVRNERATGSGNGSGGGGGGGSGGVGISTGTFNNQTEFKFLENGWVYITANSSRLVHLNMPESENYR
RVVVNNMDKTAVNGNMALDDIHAEIVTPWSLVDANAWGVWFNPGDWQLIVNTMSELHLVSFEQEIFNVVLKTVSESATQP
PTKVYNNDLTASLMVALDSNNTMPFTPAAMRSETLGFYPWKPTIPTPWRYYFQWDRTLIPSHTGTSGTPTNIYHGTDPDD
VQFYTIENSVPVHLLRTGDEFATGTFFFDCKPCRLTHTWQTNRALGLPPFLNSLPQSEGDTNFGDIGVQQDKRRGVTQMG
NTNYITEATIMRPAEVGYSAPYYSFEASTQGPFKTPIAAGRGGAQTDENQAADGNPRYAFGRQHGQKTTTTGETPERFTY
IAHQDTGRYPEGDWIQNINFNLPVTNDNVLLPTDPIGGKTGINYTNIFNTYGPLTALNNVPPVYPNGQIWDKEFDTDLKP
RLHVNAPFVCQNNCPGQLFVKVAPNLTNQYDPDASANMSRIVTYSDFWWKGKLVFKAKLRASHTWNPIQQMSINVDNQFN
YVPSNIGGMKIVYEKSQLAPRKLY
;
P
#
# COMPACT_ATOMS: atom_id res chain seq x y z
N GLY C 37 -0.80 39.76 -17.08
CA GLY C 37 -0.44 38.40 -16.53
C GLY C 37 1.08 38.28 -16.00
N VAL C 38 1.87 37.62 -16.87
CA VAL C 38 3.32 37.13 -16.64
C VAL C 38 4.22 37.98 -15.69
N GLY C 39 3.65 38.88 -14.97
CA GLY C 39 4.47 39.81 -14.14
C GLY C 39 4.51 39.40 -12.65
N ILE C 40 3.42 38.84 -12.20
CA ILE C 40 3.22 38.62 -10.76
C ILE C 40 2.95 37.14 -10.42
N SER C 41 3.12 36.87 -9.11
CA SER C 41 2.91 35.55 -8.49
C SER C 41 1.43 35.19 -8.51
N THR C 42 1.17 33.91 -8.32
CA THR C 42 -0.18 33.36 -8.36
C THR C 42 -0.53 32.62 -7.06
N GLY C 43 0.50 32.17 -6.36
CA GLY C 43 0.31 31.39 -5.12
C GLY C 43 1.44 31.62 -4.13
N THR C 44 1.36 30.82 -3.07
CA THR C 44 2.31 30.82 -1.97
C THR C 44 2.68 29.36 -1.63
N PHE C 45 3.82 29.25 -0.96
CA PHE C 45 4.39 27.96 -0.54
C PHE C 45 4.12 27.73 0.95
N ASN C 46 3.68 26.52 1.25
CA ASN C 46 3.35 26.12 2.64
C ASN C 46 3.45 24.61 2.81
N ASN C 47 4.43 24.21 3.60
CA ASN C 47 4.69 22.81 3.93
C ASN C 47 4.84 22.64 5.44
N GLN C 48 3.89 23.05 6.09
CA GLN C 48 3.69 23.24 7.53
C GLN C 48 2.74 22.16 8.06
N THR C 49 2.93 21.69 9.20
CA THR C 49 1.99 20.73 9.81
C THR C 49 1.34 21.39 11.03
N GLU C 50 0.06 21.67 10.87
CA GLU C 50 -0.76 22.36 11.89
C GLU C 50 -1.55 21.38 12.77
N PHE C 51 -1.39 21.58 14.07
CA PHE C 51 -2.07 20.79 15.10
C PHE C 51 -3.01 21.70 15.91
N LYS C 52 -4.28 21.64 15.54
CA LYS C 52 -5.33 22.41 16.19
C LYS C 52 -6.02 21.55 17.25
N PHE C 53 -5.57 21.77 18.47
CA PHE C 53 -6.09 21.05 19.63
C PHE C 53 -7.46 21.58 20.03
N LEU C 54 -8.42 20.71 19.89
CA LEU C 54 -9.82 21.00 20.20
C LEU C 54 -10.17 20.50 21.59
N GLU C 55 -11.46 20.47 21.84
CA GLU C 55 -11.99 20.11 23.17
C GLU C 55 -12.48 18.67 23.18
N ASN C 56 -11.96 17.99 24.20
CA ASN C 56 -12.25 16.59 24.50
C ASN C 56 -11.25 15.68 23.77
N GLY C 57 -9.99 16.05 23.93
CA GLY C 57 -8.82 15.29 23.40
C GLY C 57 -8.88 15.17 21.89
N TRP C 58 -9.63 16.03 21.33
CA TRP C 58 -9.79 16.09 19.90
C TRP C 58 -8.83 17.11 19.32
N VAL C 59 -8.18 16.68 18.25
CA VAL C 59 -7.21 17.51 17.53
C VAL C 59 -7.56 17.55 16.03
N TYR C 60 -7.06 18.62 15.44
CA TYR C 60 -7.24 18.97 14.02
C TYR C 60 -5.86 18.93 13.34
N ILE C 61 -5.67 17.98 12.45
CA ILE C 61 -4.39 17.84 11.75
C ILE C 61 -4.55 18.12 10.26
N THR C 62 -4.04 19.29 9.93
CA THR C 62 -4.04 19.84 8.57
C THR C 62 -2.60 19.89 8.04
N ALA C 63 -2.29 18.90 7.23
CA ALA C 63 -0.96 18.77 6.62
C ALA C 63 -0.96 19.44 5.24
N ASN C 64 0.04 20.27 5.03
CA ASN C 64 0.22 21.00 3.77
C ASN C 64 1.57 20.63 3.16
N SER C 65 1.48 20.25 1.89
CA SER C 65 2.67 19.85 1.11
C SER C 65 2.67 20.56 -0.25
N SER C 66 3.44 21.62 -0.28
CA SER C 66 3.62 22.44 -1.48
C SER C 66 4.96 22.12 -2.13
N ARG C 67 4.87 21.22 -3.08
CA ARG C 67 6.03 20.76 -3.84
C ARG C 67 6.02 21.37 -5.24
N LEU C 68 7.23 21.58 -5.73
CA LEU C 68 7.47 22.15 -7.06
C LEU C 68 7.72 21.00 -8.04
N VAL C 69 6.77 20.83 -8.93
CA VAL C 69 6.82 19.76 -9.93
C VAL C 69 7.35 20.25 -11.28
N HIS C 70 8.13 19.36 -11.87
CA HIS C 70 8.74 19.53 -13.19
C HIS C 70 8.09 18.50 -14.12
N LEU C 71 7.97 18.87 -15.39
CA LEU C 71 7.35 17.97 -16.38
C LEU C 71 7.85 18.29 -17.79
N ASN C 72 8.17 17.22 -18.49
CA ASN C 72 8.68 17.28 -19.87
C ASN C 72 7.56 17.01 -20.88
N MET C 73 7.91 17.25 -22.13
CA MET C 73 7.02 17.09 -23.29
C MET C 73 6.79 15.61 -23.61
N PRO C 74 5.52 15.17 -23.74
CA PRO C 74 5.23 13.78 -24.04
C PRO C 74 5.81 13.37 -25.37
N GLU C 75 6.44 12.21 -25.34
CA GLU C 75 7.05 11.59 -26.53
C GLU C 75 6.13 11.78 -27.71
N SER C 76 5.08 11.00 -27.61
CA SER C 76 4.00 10.93 -28.59
C SER C 76 2.79 11.71 -28.08
N GLU C 77 2.14 12.33 -29.03
CA GLU C 77 0.93 13.11 -28.80
C GLU C 77 -0.27 12.26 -29.21
N ASN C 78 0.06 10.98 -29.39
CA ASN C 78 -0.89 9.94 -29.80
C ASN C 78 -1.00 8.87 -28.71
N TYR C 79 -2.18 8.27 -28.66
CA TYR C 79 -2.47 7.20 -27.69
C TYR C 79 -1.98 5.89 -28.27
N ARG C 80 -1.47 5.06 -27.40
CA ARG C 80 -0.93 3.76 -27.79
C ARG C 80 -1.59 2.63 -27.03
N ARG C 81 -1.52 1.55 -27.68
CA ARG C 81 -1.96 0.25 -27.19
C ARG C 81 -0.81 -0.75 -27.36
N VAL C 82 -0.36 -1.20 -26.23
CA VAL C 82 0.85 -2.00 -26.14
C VAL C 82 0.65 -3.26 -25.33
N VAL C 83 1.16 -4.30 -25.89
CA VAL C 83 1.10 -5.60 -25.31
C VAL C 83 2.48 -6.02 -24.81
N VAL C 84 2.50 -6.52 -23.60
CA VAL C 84 3.73 -6.99 -22.95
C VAL C 84 3.73 -8.51 -22.90
N ASN C 85 4.70 -9.06 -23.56
CA ASN C 85 4.84 -10.50 -23.66
C ASN C 85 6.27 -10.91 -23.31
N ASN C 86 6.38 -11.36 -22.08
CA ASN C 86 7.62 -11.89 -21.54
C ASN C 86 7.49 -13.40 -21.41
N MET C 87 7.34 -14.01 -22.57
CA MET C 87 7.20 -15.46 -22.72
C MET C 87 8.55 -16.07 -23.05
N ASP C 88 9.43 -15.72 -22.15
CA ASP C 88 10.84 -16.11 -22.15
C ASP C 88 11.26 -16.38 -20.72
N LYS C 89 10.32 -16.05 -19.85
CA LYS C 89 10.45 -16.23 -18.40
C LYS C 89 9.47 -17.31 -17.95
N THR C 90 8.38 -17.36 -18.70
CA THR C 90 7.27 -18.30 -18.46
C THR C 90 7.40 -19.56 -19.34
N ALA C 91 8.63 -19.95 -19.61
CA ALA C 91 8.91 -21.13 -20.45
C ALA C 91 9.85 -22.11 -19.74
N VAL C 92 10.63 -21.56 -18.84
CA VAL C 92 11.61 -22.34 -18.05
C VAL C 92 10.92 -23.49 -17.31
N ASN C 93 9.60 -23.39 -17.29
CA ASN C 93 8.71 -24.37 -16.64
C ASN C 93 9.05 -24.55 -15.16
N GLY C 94 9.36 -23.41 -14.57
CA GLY C 94 9.69 -23.30 -13.15
C GLY C 94 9.08 -22.01 -12.63
N ASN C 95 9.14 -21.03 -13.51
CA ASN C 95 8.79 -19.64 -13.21
C ASN C 95 7.39 -19.36 -13.81
N MET C 96 6.43 -19.18 -12.90
CA MET C 96 5.02 -18.92 -13.29
C MET C 96 4.47 -17.68 -12.59
N ALA C 97 5.21 -17.24 -11.58
CA ALA C 97 4.86 -16.06 -10.79
C ALA C 97 5.57 -14.83 -11.35
N LEU C 98 6.29 -15.10 -12.42
CA LEU C 98 7.06 -14.08 -13.13
C LEU C 98 6.35 -13.67 -14.42
N ASP C 99 5.05 -13.93 -14.43
CA ASP C 99 4.20 -13.59 -15.58
C ASP C 99 3.95 -12.09 -15.58
N ASP C 100 4.55 -11.44 -16.56
CA ASP C 100 4.47 -9.99 -16.74
C ASP C 100 3.69 -9.62 -18.00
N ILE C 101 2.78 -10.49 -18.39
CA ILE C 101 1.96 -10.25 -19.59
C ILE C 101 0.65 -9.54 -19.23
N HIS C 102 0.52 -8.40 -19.86
CA HIS C 102 -0.64 -7.51 -19.70
C HIS C 102 -0.74 -6.62 -20.95
N ALA C 103 -1.90 -6.02 -21.10
CA ALA C 103 -2.19 -5.13 -22.23
C ALA C 103 -2.55 -3.74 -21.69
N GLU C 104 -1.67 -2.80 -21.94
CA GLU C 104 -1.85 -1.42 -21.46
C GLU C 104 -1.79 -0.42 -22.62
N ILE C 105 -2.50 0.67 -22.39
CA ILE C 105 -2.60 1.80 -23.31
C ILE C 105 -1.95 3.03 -22.68
N VAL C 106 -1.02 3.60 -23.41
CA VAL C 106 -0.28 4.79 -22.97
C VAL C 106 -1.02 6.06 -23.37
N THR C 107 -0.98 7.02 -22.48
CA THR C 107 -1.62 8.33 -22.66
C THR C 107 -0.58 9.44 -22.63
N PRO C 108 -0.61 10.40 -23.57
CA PRO C 108 0.35 11.48 -23.59
C PRO C 108 0.28 12.28 -22.31
N TRP C 109 -0.80 12.04 -21.59
CA TRP C 109 -1.10 12.72 -20.32
C TRP C 109 -0.27 12.16 -19.16
N SER C 110 0.33 13.11 -18.45
CA SER C 110 1.17 12.84 -17.26
C SER C 110 0.33 13.09 -16.00
N LEU C 111 0.25 12.05 -15.18
CA LEU C 111 -0.52 12.08 -13.93
C LEU C 111 0.31 12.63 -12.77
N VAL C 112 -0.43 12.89 -11.69
CA VAL C 112 0.14 13.42 -10.43
C VAL C 112 -0.58 12.76 -9.25
N ASP C 113 0.20 12.00 -8.49
CA ASP C 113 -0.29 11.27 -7.31
C ASP C 113 0.38 11.81 -6.04
N ALA C 114 -0.43 11.95 -5.02
CA ALA C 114 -0.01 12.44 -3.70
C ALA C 114 -0.66 11.60 -2.60
N ASN C 115 -1.13 10.44 -3.02
CA ASN C 115 -1.80 9.47 -2.13
C ASN C 115 -0.75 8.62 -1.42
N ALA C 116 -0.04 9.29 -0.52
CA ALA C 116 1.02 8.66 0.29
C ALA C 116 1.13 9.39 1.64
N TRP C 117 1.77 8.71 2.57
CA TRP C 117 1.99 9.21 3.93
C TRP C 117 3.23 10.12 4.02
N GLY C 118 4.25 9.72 3.28
CA GLY C 118 5.58 10.40 3.27
C GLY C 118 5.53 11.84 2.73
N VAL C 119 4.53 12.11 1.92
CA VAL C 119 4.39 13.45 1.29
C VAL C 119 3.72 14.46 2.22
N TRP C 120 3.00 13.93 3.19
CA TRP C 120 2.19 14.75 4.10
C TRP C 120 2.83 14.93 5.48
N PHE C 121 3.77 14.08 5.80
CA PHE C 121 4.44 14.19 7.11
C PHE C 121 5.89 13.79 7.03
N ASN C 122 6.60 14.27 8.03
CA ASN C 122 7.99 13.95 8.20
C ASN C 122 8.16 13.11 9.45
N PRO C 123 9.34 12.53 9.65
CA PRO C 123 9.56 11.61 10.75
C PRO C 123 9.26 12.22 12.10
N GLY C 124 9.21 13.54 12.14
CA GLY C 124 8.97 14.28 13.39
C GLY C 124 7.48 14.34 13.75
N ASP C 125 6.67 14.57 12.73
CA ASP C 125 5.21 14.71 12.87
C ASP C 125 4.54 13.38 13.24
N TRP C 126 4.95 12.37 12.52
CA TRP C 126 4.43 10.99 12.67
C TRP C 126 4.57 10.51 14.11
N GLN C 127 5.76 10.65 14.61
CA GLN C 127 6.09 10.25 15.97
C GLN C 127 5.07 10.82 16.94
N LEU C 128 4.60 12.00 16.64
CA LEU C 128 3.63 12.74 17.47
C LEU C 128 2.28 12.03 17.45
N ILE C 129 1.76 11.88 16.25
CA ILE C 129 0.45 11.26 15.99
C ILE C 129 0.41 9.82 16.52
N VAL C 130 1.56 9.20 16.50
CA VAL C 130 1.72 7.78 16.86
C VAL C 130 1.84 7.60 18.39
N ASN C 131 2.60 8.48 19.01
CA ASN C 131 2.88 8.41 20.46
C ASN C 131 1.74 9.04 21.29
N THR C 132 1.22 10.12 20.77
CA THR C 132 0.22 10.95 21.47
C THR C 132 -1.24 10.50 21.22
N MET C 133 -1.52 10.15 19.99
CA MET C 133 -2.92 9.85 19.58
C MET C 133 -3.23 8.34 19.60
N SER C 134 -4.55 8.10 19.64
CA SER C 134 -5.15 6.75 19.69
C SER C 134 -5.62 6.34 18.29
N GLU C 135 -6.68 7.03 17.85
CA GLU C 135 -7.29 6.78 16.51
C GLU C 135 -7.27 8.06 15.66
N LEU C 136 -7.04 7.84 14.38
CA LEU C 136 -6.94 8.91 13.37
C LEU C 136 -8.13 8.82 12.39
N HIS C 137 -8.56 10.01 11.93
CA HIS C 137 -9.66 10.16 10.97
C HIS C 137 -9.25 11.09 9.80
N LEU C 138 -9.58 10.66 8.58
CA LEU C 138 -9.32 11.44 7.33
C LEU C 138 -10.53 12.38 7.05
N VAL C 139 -10.23 13.65 6.63
CA VAL C 139 -11.31 14.69 6.41
C VAL C 139 -11.32 15.25 4.97
N SER C 140 -10.57 16.37 4.81
CA SER C 140 -10.54 17.16 3.55
C SER C 140 -9.27 16.91 2.75
N PHE C 141 -9.38 17.30 1.50
CA PHE C 141 -8.32 17.22 0.54
C PHE C 141 -8.57 18.19 -0.60
N GLU C 142 -7.61 19.06 -0.79
CA GLU C 142 -7.67 20.07 -1.85
C GLU C 142 -6.29 20.36 -2.38
N GLN C 143 -6.22 20.32 -3.71
CA GLN C 143 -4.99 20.55 -4.46
C GLN C 143 -5.04 21.90 -5.13
N GLU C 144 -3.86 22.48 -5.24
CA GLU C 144 -3.68 23.78 -5.85
C GLU C 144 -2.32 23.83 -6.61
N ILE C 145 -2.42 24.35 -7.84
CA ILE C 145 -1.26 24.51 -8.77
C ILE C 145 -1.07 25.99 -9.14
N PHE C 146 0.19 26.45 -8.99
CA PHE C 146 0.54 27.87 -9.26
C PHE C 146 2.00 28.06 -9.76
N ASN C 147 2.22 29.32 -10.23
CA ASN C 147 3.53 29.83 -10.78
C ASN C 147 4.03 28.91 -11.90
N VAL C 148 3.18 28.82 -12.90
CA VAL C 148 3.42 28.03 -14.11
C VAL C 148 4.48 28.70 -14.96
N VAL C 149 5.43 27.89 -15.38
CA VAL C 149 6.54 28.35 -16.23
C VAL C 149 6.78 27.34 -17.35
N LEU C 150 6.90 27.89 -18.54
CA LEU C 150 7.13 27.11 -19.75
C LEU C 150 8.31 27.69 -20.51
N LYS C 151 9.30 26.87 -20.67
CA LYS C 151 10.51 27.27 -21.37
C LYS C 151 10.80 26.33 -22.55
N THR C 152 11.31 26.98 -23.63
CA THR C 152 11.74 26.32 -24.89
C THR C 152 13.26 26.20 -24.90
N VAL C 153 13.72 25.11 -25.48
CA VAL C 153 15.15 24.84 -25.57
C VAL C 153 15.65 25.02 -26.99
N SER C 154 16.63 25.88 -27.10
CA SER C 154 17.30 26.18 -28.36
C SER C 154 18.70 25.58 -28.32
N GLU C 155 18.92 24.67 -29.24
CA GLU C 155 20.19 23.94 -29.34
C GLU C 155 21.11 24.59 -30.39
N SER C 156 22.00 25.42 -29.88
CA SER C 156 22.93 26.23 -30.71
C SER C 156 24.21 25.43 -31.04
N ALA C 157 24.06 24.54 -32.01
CA ALA C 157 25.17 23.70 -32.50
C ALA C 157 26.33 24.58 -32.94
N THR C 158 27.18 24.87 -31.97
CA THR C 158 28.36 25.71 -32.17
C THR C 158 29.46 25.30 -31.18
N GLN C 159 30.35 24.46 -31.69
CA GLN C 159 31.51 23.96 -30.93
C GLN C 159 31.11 22.83 -30.00
N PRO C 160 30.57 23.15 -28.79
CA PRO C 160 30.21 22.14 -27.81
C PRO C 160 29.38 21.03 -28.44
N PRO C 161 28.20 21.29 -29.10
CA PRO C 161 27.58 22.63 -29.18
C PRO C 161 27.15 23.15 -27.77
N THR C 162 26.19 24.12 -27.79
CA THR C 162 25.64 24.79 -26.53
C THR C 162 24.08 24.83 -26.54
N LYS C 163 23.51 24.95 -25.32
CA LYS C 163 22.02 24.98 -25.12
C LYS C 163 21.57 26.31 -24.51
N VAL C 164 20.60 26.92 -25.20
CA VAL C 164 20.00 28.19 -24.81
C VAL C 164 18.52 27.99 -24.46
N TYR C 165 18.25 28.25 -23.18
CA TYR C 165 16.89 28.11 -22.58
C TYR C 165 16.17 29.46 -22.61
N ASN C 166 14.94 29.42 -23.07
CA ASN C 166 14.10 30.64 -23.16
C ASN C 166 12.69 30.36 -22.64
N ASN C 167 11.91 31.44 -22.59
CA ASN C 167 10.53 31.39 -22.08
C ASN C 167 9.53 31.71 -23.21
N ASP C 168 8.59 30.78 -23.37
CA ASP C 168 7.47 30.91 -24.33
C ASP C 168 6.21 31.29 -23.55
N LEU C 169 6.23 32.54 -23.14
CA LEU C 169 5.22 33.15 -22.27
C LEU C 169 3.77 32.97 -22.79
N THR C 170 3.62 32.51 -24.02
CA THR C 170 2.27 32.29 -24.61
C THR C 170 1.90 30.80 -24.62
N ALA C 171 2.89 30.00 -24.25
CA ALA C 171 2.75 28.53 -24.17
C ALA C 171 1.66 28.18 -23.16
N SER C 172 1.35 26.90 -23.09
CA SER C 172 0.29 26.45 -22.21
C SER C 172 0.57 25.11 -21.59
N LEU C 173 -0.23 24.91 -20.58
CA LEU C 173 -0.29 23.71 -19.83
C LEU C 173 -1.72 23.23 -19.86
N MET C 174 -1.86 21.96 -20.06
CA MET C 174 -3.16 21.32 -20.12
C MET C 174 -3.41 20.57 -18.85
N VAL C 175 -4.32 21.10 -18.09
CA VAL C 175 -4.77 20.48 -16.82
C VAL C 175 -6.08 19.76 -17.03
N ALA C 176 -6.26 18.71 -16.25
CA ALA C 176 -7.46 17.87 -16.33
C ALA C 176 -7.78 17.29 -14.98
N LEU C 177 -9.05 17.34 -14.68
CA LEU C 177 -9.60 16.80 -13.47
C LEU C 177 -10.71 15.81 -13.80
N ASP C 178 -10.58 14.65 -13.22
CA ASP C 178 -11.58 13.59 -13.33
C ASP C 178 -12.41 13.60 -12.12
N SER C 179 -13.13 14.66 -12.05
CA SER C 179 -13.97 14.97 -10.95
C SER C 179 -15.16 14.02 -10.92
N ASN C 180 -15.39 13.37 -12.06
CA ASN C 180 -16.53 12.44 -12.25
C ASN C 180 -16.02 10.98 -12.32
N ASN C 181 -14.83 10.80 -11.80
CA ASN C 181 -14.15 9.50 -11.81
C ASN C 181 -14.79 8.60 -12.89
N THR C 182 -14.55 9.03 -14.14
CA THR C 182 -15.03 8.34 -15.35
C THR C 182 -14.00 7.32 -15.80
N MET C 183 -12.79 7.57 -15.35
CA MET C 183 -11.62 6.80 -15.75
C MET C 183 -11.19 5.83 -14.72
N PRO C 184 -10.33 4.85 -15.10
CA PRO C 184 -9.79 3.92 -14.17
C PRO C 184 -9.05 4.67 -13.08
N PHE C 185 -8.68 3.95 -12.07
CA PHE C 185 -7.98 4.50 -10.88
C PHE C 185 -6.58 3.85 -10.75
N THR C 186 -5.54 4.68 -10.92
CA THR C 186 -4.13 4.17 -10.88
C THR C 186 -3.35 4.79 -9.74
N PRO C 187 -3.52 4.29 -8.50
CA PRO C 187 -2.75 4.79 -7.36
C PRO C 187 -1.23 4.56 -7.62
N ALA C 188 -0.52 5.68 -7.81
CA ALA C 188 0.96 5.67 -8.16
C ALA C 188 1.85 5.59 -6.87
N ALA C 189 1.39 4.80 -5.93
CA ALA C 189 2.13 4.53 -4.65
C ALA C 189 2.62 3.12 -4.67
N MET C 190 1.81 2.33 -5.27
CA MET C 190 2.06 0.94 -5.49
C MET C 190 3.47 0.72 -6.05
N ARG C 191 3.82 1.57 -7.03
CA ARG C 191 5.10 1.45 -7.79
C ARG C 191 6.04 2.68 -7.50
N SER C 192 5.85 3.23 -6.32
CA SER C 192 6.67 4.38 -5.78
C SER C 192 6.82 5.53 -6.83
N GLU C 193 5.81 5.69 -7.62
CA GLU C 193 5.75 6.79 -8.62
C GLU C 193 4.82 7.87 -8.09
N THR C 194 5.23 8.39 -6.91
CA THR C 194 4.46 9.35 -6.14
C THR C 194 5.04 10.74 -6.37
N LEU C 195 5.22 11.40 -5.31
CA LEU C 195 5.87 12.69 -5.28
C LEU C 195 6.96 12.64 -4.20
N GLY C 196 7.97 13.45 -4.41
CA GLY C 196 9.14 13.53 -3.48
C GLY C 196 8.65 13.73 -2.03
N PHE C 197 9.40 13.10 -1.10
CA PHE C 197 9.09 13.17 0.36
C PHE C 197 9.90 14.29 1.05
N TYR C 198 10.78 14.87 0.28
CA TYR C 198 11.61 16.00 0.74
C TYR C 198 11.14 17.28 0.02
N PRO C 199 10.48 18.22 0.76
CA PRO C 199 9.85 19.41 0.13
C PRO C 199 10.88 20.25 -0.66
N TRP C 200 12.06 20.44 -0.08
CA TRP C 200 13.14 21.28 -0.71
C TRP C 200 13.76 20.56 -1.89
N LYS C 201 13.05 19.54 -2.37
CA LYS C 201 13.56 18.70 -3.47
C LYS C 201 12.57 18.64 -4.61
N PRO C 202 12.87 19.29 -5.77
CA PRO C 202 11.96 19.28 -6.95
C PRO C 202 11.69 17.79 -7.42
N THR C 203 10.32 17.47 -7.66
CA THR C 203 9.84 16.03 -8.08
C THR C 203 9.28 16.02 -9.56
N ILE C 204 8.63 14.81 -9.92
CA ILE C 204 8.11 14.57 -11.32
C ILE C 204 6.84 13.67 -11.33
N PRO C 205 5.76 14.10 -12.06
CA PRO C 205 4.55 13.28 -12.21
C PRO C 205 4.89 11.99 -12.94
N THR C 206 3.93 11.11 -12.95
CA THR C 206 4.08 9.80 -13.57
C THR C 206 3.31 9.72 -14.87
N PRO C 207 3.96 9.22 -15.98
CA PRO C 207 3.28 9.12 -17.27
C PRO C 207 2.10 8.23 -17.12
N TRP C 208 0.96 8.71 -17.55
CA TRP C 208 -0.27 7.96 -17.35
C TRP C 208 -0.40 6.82 -18.33
N ARG C 209 -0.99 5.77 -17.76
CA ARG C 209 -1.23 4.51 -18.42
C ARG C 209 -2.35 3.73 -17.64
N TYR C 210 -3.07 2.86 -18.37
CA TYR C 210 -4.14 1.97 -17.75
C TYR C 210 -4.31 0.71 -18.55
N TYR C 211 -5.04 -0.19 -17.96
CA TYR C 211 -5.20 -1.52 -18.46
C TYR C 211 -6.22 -1.59 -19.54
N PHE C 212 -5.86 -2.42 -20.52
CA PHE C 212 -6.72 -2.80 -21.60
C PHE C 212 -6.88 -4.34 -21.60
N GLN C 213 -8.12 -4.77 -21.69
CA GLN C 213 -8.50 -6.22 -21.54
C GLN C 213 -7.60 -7.12 -22.40
N TRP C 214 -6.76 -7.87 -21.70
CA TRP C 214 -5.90 -8.88 -22.29
C TRP C 214 -6.32 -10.29 -21.78
N ASP C 215 -6.52 -11.14 -22.72
CA ASP C 215 -6.96 -12.56 -22.50
C ASP C 215 -5.72 -13.51 -22.61
N ARG C 216 -5.61 -14.44 -21.64
CA ARG C 216 -4.44 -15.41 -21.63
C ARG C 216 -4.77 -16.71 -20.93
N THR C 217 -3.90 -17.68 -21.24
CA THR C 217 -3.88 -18.98 -20.64
C THR C 217 -2.43 -19.37 -20.33
N LEU C 218 -2.26 -19.93 -19.16
CA LEU C 218 -0.95 -20.38 -18.68
C LEU C 218 -1.13 -21.44 -17.61
N ILE C 219 -0.69 -22.60 -17.88
CA ILE C 219 -0.72 -23.74 -16.95
C ILE C 219 0.61 -23.85 -16.21
N PRO C 220 0.59 -24.16 -14.89
CA PRO C 220 1.83 -24.28 -14.11
C PRO C 220 2.75 -25.35 -14.74
N SER C 221 3.95 -25.49 -14.15
CA SER C 221 4.98 -26.50 -14.60
C SER C 221 6.29 -26.35 -13.80
N HIS C 222 6.63 -27.44 -13.07
CA HIS C 222 7.85 -27.49 -12.25
C HIS C 222 9.05 -27.75 -13.12
N THR C 223 10.14 -27.97 -12.47
CA THR C 223 11.41 -28.17 -13.11
C THR C 223 11.37 -29.42 -14.01
N GLY C 224 10.53 -30.35 -13.61
CA GLY C 224 10.47 -31.70 -14.24
C GLY C 224 9.49 -31.71 -15.44
N THR C 225 8.34 -31.13 -15.24
CA THR C 225 7.25 -31.17 -16.24
C THR C 225 7.84 -31.11 -17.65
N SER C 226 7.80 -32.26 -18.29
CA SER C 226 8.29 -32.45 -19.64
C SER C 226 7.42 -31.68 -20.63
N GLY C 227 8.03 -31.41 -21.76
CA GLY C 227 7.38 -30.70 -22.86
C GLY C 227 6.96 -29.30 -22.43
N THR C 228 6.38 -28.61 -23.37
CA THR C 228 5.88 -27.25 -23.19
C THR C 228 4.44 -27.29 -22.67
N PRO C 229 4.19 -26.87 -21.41
CA PRO C 229 2.85 -27.01 -20.81
C PRO C 229 1.76 -26.39 -21.72
N THR C 230 1.56 -25.10 -21.55
CA THR C 230 0.51 -24.32 -22.25
C THR C 230 0.49 -22.88 -21.75
N ASN C 231 0.56 -21.98 -22.68
CA ASN C 231 0.60 -20.53 -22.38
C ASN C 231 0.47 -19.73 -23.69
N ILE C 232 -0.56 -18.89 -23.71
CA ILE C 232 -0.91 -18.12 -24.90
C ILE C 232 -1.56 -16.85 -24.54
N TYR C 233 -1.43 -15.93 -25.51
CA TYR C 233 -2.05 -14.64 -25.48
C TYR C 233 -3.19 -14.59 -26.52
N HIS C 234 -4.38 -14.87 -26.03
CA HIS C 234 -5.59 -14.95 -26.86
C HIS C 234 -5.81 -13.66 -27.59
N GLY C 235 -5.86 -12.64 -26.85
CA GLY C 235 -6.03 -11.33 -27.37
C GLY C 235 -7.01 -10.58 -26.54
N THR C 236 -8.04 -10.18 -27.18
CA THR C 236 -8.99 -9.33 -26.59
C THR C 236 -10.39 -9.78 -26.89
N ASP C 237 -11.11 -9.86 -25.80
CA ASP C 237 -12.57 -10.09 -25.84
C ASP C 237 -13.30 -8.82 -26.29
N PRO C 238 -13.91 -8.84 -27.42
CA PRO C 238 -14.48 -7.62 -27.99
C PRO C 238 -15.50 -6.95 -27.01
N ASP C 239 -15.78 -7.62 -25.92
CA ASP C 239 -16.82 -7.14 -24.94
C ASP C 239 -16.23 -6.27 -23.92
N ASP C 240 -15.14 -6.51 -23.64
CA ASP C 240 -14.52 -5.82 -22.64
C ASP C 240 -13.48 -4.91 -23.20
N VAL C 241 -13.93 -4.08 -24.13
CA VAL C 241 -13.05 -3.07 -24.77
C VAL C 241 -13.45 -1.66 -24.33
N GLN C 242 -12.66 -1.16 -23.41
CA GLN C 242 -12.80 0.19 -22.89
C GLN C 242 -11.59 1.03 -23.31
N PHE C 243 -11.83 1.93 -24.27
CA PHE C 243 -10.77 2.85 -24.78
C PHE C 243 -11.10 4.29 -24.38
N TYR C 244 -10.39 4.72 -23.33
CA TYR C 244 -10.64 6.03 -22.70
C TYR C 244 -9.79 7.09 -23.29
N THR C 245 -10.29 8.28 -23.13
CA THR C 245 -9.71 9.44 -23.68
C THR C 245 -10.07 10.66 -22.83
N ILE C 246 -9.04 11.29 -22.32
CA ILE C 246 -9.16 12.44 -21.42
C ILE C 246 -9.76 13.66 -22.19
N GLU C 247 -9.28 13.87 -23.39
CA GLU C 247 -9.75 15.00 -24.25
C GLU C 247 -11.28 14.93 -24.42
N ASN C 248 -11.75 13.71 -24.60
CA ASN C 248 -13.17 13.45 -24.90
C ASN C 248 -14.05 13.54 -23.62
N SER C 249 -13.58 12.86 -22.56
CA SER C 249 -14.39 12.65 -21.32
C SER C 249 -14.18 13.79 -20.25
N VAL C 250 -13.00 14.38 -20.25
CA VAL C 250 -12.63 15.39 -19.18
C VAL C 250 -12.15 16.71 -19.80
N PRO C 251 -12.67 17.90 -19.30
CA PRO C 251 -12.23 19.18 -19.77
C PRO C 251 -10.85 19.44 -19.40
N VAL C 252 -10.29 20.19 -20.21
CA VAL C 252 -9.01 20.55 -20.11
C VAL C 252 -8.93 22.05 -19.93
N HIS C 253 -8.23 22.42 -18.89
CA HIS C 253 -7.98 23.80 -18.56
C HIS C 253 -6.59 24.20 -19.05
N LEU C 254 -6.60 25.07 -20.03
CA LEU C 254 -5.38 25.58 -20.65
C LEU C 254 -4.83 26.74 -19.83
N LEU C 255 -3.87 26.38 -19.00
CA LEU C 255 -3.16 27.32 -18.14
C LEU C 255 -1.98 27.92 -18.88
N ARG C 256 -1.70 29.15 -18.57
CA ARG C 256 -0.52 29.84 -19.09
C ARG C 256 0.40 30.08 -17.90
N THR C 257 1.02 31.22 -17.85
CA THR C 257 1.94 31.55 -16.76
C THR C 257 1.20 32.28 -15.63
N GLY C 258 0.25 33.10 -16.03
CA GLY C 258 -0.51 33.94 -15.08
C GLY C 258 -1.88 33.33 -14.73
N ASP C 259 -1.92 32.00 -14.70
CA ASP C 259 -3.16 31.27 -14.35
C ASP C 259 -2.89 30.28 -13.23
N GLU C 260 -3.89 30.13 -12.39
CA GLU C 260 -3.84 29.23 -11.24
C GLU C 260 -5.00 28.24 -11.31
N PHE C 261 -4.66 26.96 -11.21
CA PHE C 261 -5.65 25.89 -11.14
C PHE C 261 -5.71 25.35 -9.75
N ALA C 262 -6.89 25.39 -9.22
CA ALA C 262 -7.17 24.94 -7.89
C ALA C 262 -8.42 24.11 -7.86
N THR C 263 -8.38 23.13 -7.04
CA THR C 263 -9.49 22.25 -6.83
C THR C 263 -10.44 22.88 -5.83
N GLY C 264 -11.16 22.07 -5.22
CA GLY C 264 -12.05 22.46 -4.18
C GLY C 264 -11.59 21.85 -2.90
N THR C 265 -12.50 21.65 -2.06
CA THR C 265 -12.28 20.94 -0.83
C THR C 265 -13.07 19.65 -0.86
N PHE C 266 -12.34 18.58 -0.88
CA PHE C 266 -12.93 17.23 -0.97
C PHE C 266 -13.14 16.64 0.39
N PHE C 267 -14.39 16.43 0.70
CA PHE C 267 -14.79 15.80 1.94
C PHE C 267 -14.81 14.29 1.74
N PHE C 268 -14.28 13.63 2.75
CA PHE C 268 -14.06 12.21 2.76
C PHE C 268 -15.06 11.51 3.68
N ASP C 269 -15.60 10.44 3.16
CA ASP C 269 -16.56 9.62 3.90
C ASP C 269 -16.07 8.16 3.96
N CYS C 270 -15.02 7.96 4.79
CA CYS C 270 -14.38 6.63 5.01
C CYS C 270 -14.23 6.39 6.53
N LYS C 271 -14.00 5.12 6.85
CA LYS C 271 -13.90 4.64 8.25
C LYS C 271 -12.58 5.01 8.91
N PRO C 272 -12.61 5.22 10.25
CA PRO C 272 -11.42 5.58 11.00
C PRO C 272 -10.38 4.49 10.96
N CYS C 273 -9.17 4.91 11.30
CA CYS C 273 -7.99 4.05 11.41
C CYS C 273 -7.55 4.10 12.87
N ARG C 274 -7.20 2.96 13.40
CA ARG C 274 -6.84 2.85 14.81
C ARG C 274 -5.33 2.69 14.98
N LEU C 275 -4.83 3.58 15.82
CA LEU C 275 -3.43 3.63 16.19
C LEU C 275 -3.19 2.71 17.38
N THR C 276 -3.95 1.62 17.38
CA THR C 276 -3.86 0.59 18.44
C THR C 276 -3.85 -0.80 17.81
N HIS C 277 -3.18 -1.70 18.50
CA HIS C 277 -3.05 -3.09 18.05
C HIS C 277 -3.52 -4.03 19.14
N THR C 278 -4.08 -5.11 18.65
CA THR C 278 -4.58 -6.18 19.47
C THR C 278 -3.53 -7.26 19.56
N TRP C 279 -3.30 -7.65 20.79
CA TRP C 279 -2.26 -8.60 21.12
C TRP C 279 -2.88 -9.89 21.67
N GLN C 280 -4.21 -9.95 21.60
CA GLN C 280 -5.00 -11.11 22.14
C GLN C 280 -5.30 -12.12 21.04
N THR C 281 -5.04 -13.37 21.37
CA THR C 281 -5.32 -14.50 20.51
C THR C 281 -6.66 -15.11 20.91
N ASN C 282 -6.61 -16.40 21.13
CA ASN C 282 -7.77 -17.19 21.58
C ASN C 282 -7.48 -17.80 22.94
N ARG C 283 -6.23 -17.63 23.34
CA ARG C 283 -5.72 -18.16 24.60
C ARG C 283 -5.62 -17.05 25.64
N ALA C 284 -5.94 -15.89 25.21
CA ALA C 284 -5.89 -14.69 26.05
C ALA C 284 -7.26 -14.02 26.06
N LEU C 285 -8.27 -14.85 26.17
CA LEU C 285 -9.66 -14.40 26.14
C LEU C 285 -10.48 -15.05 27.25
N GLY C 286 -10.94 -14.21 28.15
CA GLY C 286 -11.90 -14.62 29.18
C GLY C 286 -11.25 -14.78 30.57
N LEU C 287 -11.95 -15.56 31.36
CA LEU C 287 -11.63 -15.84 32.75
C LEU C 287 -10.64 -16.99 32.84
N PRO C 288 -9.37 -16.73 33.12
CA PRO C 288 -8.38 -17.79 33.22
C PRO C 288 -8.75 -18.77 34.34
N PRO C 289 -8.10 -19.96 34.44
CA PRO C 289 -8.39 -20.90 35.53
C PRO C 289 -8.11 -20.20 36.89
N PHE C 290 -8.49 -20.90 37.96
CA PHE C 290 -8.21 -20.45 39.37
C PHE C 290 -7.09 -21.29 39.90
N LEU C 291 -6.09 -20.66 40.32
CA LEU C 291 -4.88 -21.37 40.71
C LEU C 291 -4.90 -21.72 42.17
N ASN C 292 -5.20 -22.97 42.44
CA ASN C 292 -5.38 -23.46 43.79
C ASN C 292 -4.03 -23.41 44.55
N SER C 293 -2.94 -23.32 43.77
CA SER C 293 -1.56 -23.32 44.33
C SER C 293 -0.72 -22.20 43.70
N LEU C 294 -0.19 -21.35 44.58
CA LEU C 294 0.65 -20.21 44.18
C LEU C 294 2.04 -20.37 44.72
N PRO C 295 3.04 -19.86 44.03
CA PRO C 295 4.39 -19.96 44.53
C PRO C 295 4.49 -19.22 45.83
N GLN C 296 5.59 -19.46 46.53
CA GLN C 296 5.85 -18.82 47.83
C GLN C 296 7.21 -18.15 47.82
N SER C 297 7.84 -18.25 46.66
CA SER C 297 9.16 -17.65 46.40
C SER C 297 9.16 -17.06 44.98
N GLU C 298 10.18 -16.26 44.71
CA GLU C 298 10.32 -15.57 43.42
C GLU C 298 10.99 -16.42 42.36
N GLY C 299 10.86 -15.90 41.15
CA GLY C 299 11.41 -16.51 39.93
C GLY C 299 10.27 -16.86 38.97
N ASP C 300 10.51 -16.52 37.72
CA ASP C 300 9.56 -16.81 36.64
C ASP C 300 9.64 -18.30 36.28
N THR C 301 10.35 -19.02 37.16
CA THR C 301 10.56 -20.47 37.03
C THR C 301 9.57 -21.22 37.93
N ASN C 302 9.16 -20.51 38.97
CA ASN C 302 8.19 -21.02 39.95
C ASN C 302 6.78 -20.71 39.45
N PHE C 303 6.16 -21.76 38.94
CA PHE C 303 4.81 -21.69 38.35
C PHE C 303 3.75 -22.09 39.36
N GLY C 304 2.66 -21.36 39.29
CA GLY C 304 1.47 -21.56 40.12
C GLY C 304 0.55 -22.57 39.41
N ASP C 305 0.45 -23.73 40.02
CA ASP C 305 -0.34 -24.83 39.47
C ASP C 305 -1.79 -24.75 39.91
N ILE C 306 -2.62 -25.02 38.94
CA ILE C 306 -4.07 -25.01 39.11
C ILE C 306 -4.45 -25.97 40.26
N GLY C 307 -4.16 -27.26 40.06
CA GLY C 307 -4.32 -28.31 41.12
C GLY C 307 -5.55 -29.23 40.87
N VAL C 308 -5.95 -29.32 39.63
CA VAL C 308 -7.07 -30.22 39.21
C VAL C 308 -6.73 -30.90 37.88
N GLN C 309 -7.18 -32.13 37.77
CA GLN C 309 -6.92 -32.97 36.59
C GLN C 309 -7.86 -32.53 35.44
N GLN C 310 -7.33 -32.63 34.25
CA GLN C 310 -7.95 -32.11 33.02
C GLN C 310 -9.37 -32.75 32.74
N ASP C 311 -9.52 -34.02 33.08
CA ASP C 311 -10.82 -34.75 32.81
C ASP C 311 -11.74 -34.72 34.06
N LYS C 312 -11.68 -33.61 34.78
CA LYS C 312 -12.50 -33.39 35.99
C LYS C 312 -12.58 -31.89 36.32
N ARG C 313 -12.25 -31.09 35.32
CA ARG C 313 -12.31 -29.62 35.41
C ARG C 313 -13.70 -29.15 34.97
N ARG C 314 -14.19 -28.14 35.66
CA ARG C 314 -15.50 -27.51 35.36
C ARG C 314 -15.35 -26.48 34.25
N GLY C 315 -16.44 -26.27 33.50
CA GLY C 315 -16.46 -25.20 32.45
C GLY C 315 -17.06 -25.69 31.14
N VAL C 316 -16.81 -24.91 30.07
CA VAL C 316 -17.42 -25.20 28.76
C VAL C 316 -16.38 -25.46 27.68
N THR C 317 -16.75 -26.44 26.89
CA THR C 317 -16.00 -26.88 25.74
C THR C 317 -16.94 -27.01 24.54
N GLN C 318 -16.35 -27.03 23.38
CA GLN C 318 -17.07 -27.17 22.12
C GLN C 318 -16.91 -28.58 21.59
N MET C 319 -16.79 -29.50 22.53
CA MET C 319 -16.65 -30.93 22.25
C MET C 319 -17.68 -31.72 23.06
N GLY C 320 -18.14 -32.80 22.46
CA GLY C 320 -19.15 -33.68 23.06
C GLY C 320 -18.58 -35.07 23.31
N ASN C 321 -17.30 -35.20 22.97
CA ASN C 321 -16.56 -36.47 23.12
C ASN C 321 -15.82 -36.52 24.45
N THR C 322 -15.02 -35.51 24.64
CA THR C 322 -14.05 -35.45 25.73
C THR C 322 -14.69 -34.95 27.03
N ASN C 323 -13.81 -34.90 28.01
CA ASN C 323 -14.08 -34.37 29.31
C ASN C 323 -12.87 -33.53 29.75
N TYR C 324 -11.94 -33.45 28.80
CA TYR C 324 -10.71 -32.66 28.93
C TYR C 324 -10.99 -31.20 28.59
N ILE C 325 -10.85 -30.37 29.60
CA ILE C 325 -10.93 -28.91 29.45
C ILE C 325 -9.54 -28.32 29.58
N THR C 326 -9.04 -27.84 28.45
CA THR C 326 -7.68 -27.33 28.37
C THR C 326 -7.73 -25.82 27.80
N GLU C 327 -6.57 -25.11 27.83
CA GLU C 327 -6.52 -23.68 27.26
C GLU C 327 -6.69 -23.72 25.74
N ALA C 328 -6.52 -24.91 25.20
CA ALA C 328 -6.62 -25.15 23.77
C ALA C 328 -8.00 -25.72 23.42
N THR C 329 -8.60 -26.35 24.40
CA THR C 329 -9.88 -27.04 24.24
C THR C 329 -11.05 -26.07 24.46
N ILE C 330 -10.95 -25.32 25.54
CA ILE C 330 -12.07 -24.49 26.00
C ILE C 330 -12.64 -23.66 24.89
N MET C 331 -13.92 -23.48 25.03
CA MET C 331 -14.72 -22.74 24.14
C MET C 331 -14.52 -21.28 24.36
N ARG C 332 -14.13 -20.66 23.32
CA ARG C 332 -13.97 -19.24 23.28
C ARG C 332 -15.07 -18.64 22.45
N PRO C 333 -15.44 -17.40 22.72
CA PRO C 333 -16.59 -16.78 22.06
C PRO C 333 -16.50 -16.84 20.52
N ALA C 334 -15.27 -16.70 19.97
CA ALA C 334 -15.07 -16.73 18.45
C ALA C 334 -13.61 -17.08 18.09
N GLU C 335 -13.22 -16.64 16.91
CA GLU C 335 -11.86 -16.91 16.38
C GLU C 335 -11.27 -15.62 15.83
N VAL C 336 -10.05 -15.37 16.22
CA VAL C 336 -9.31 -14.18 15.78
C VAL C 336 -8.49 -14.49 14.56
N GLY C 337 -8.76 -13.70 13.55
CA GLY C 337 -8.15 -13.84 12.26
C GLY C 337 -8.58 -15.14 11.66
N TYR C 338 -7.99 -15.44 10.58
CA TYR C 338 -8.27 -16.65 9.88
C TYR C 338 -6.98 -17.27 9.37
N SER C 339 -7.14 -18.45 8.80
CA SER C 339 -6.05 -19.23 8.20
C SER C 339 -6.44 -19.62 6.78
N ALA C 340 -5.68 -19.07 5.84
CA ALA C 340 -5.96 -19.26 4.41
C ALA C 340 -4.78 -19.94 3.70
N PRO C 341 -4.98 -20.40 2.44
CA PRO C 341 -3.90 -21.01 1.67
C PRO C 341 -2.79 -20.00 1.48
N TYR C 342 -1.53 -20.45 1.59
CA TYR C 342 -0.40 -19.50 1.41
C TYR C 342 0.49 -19.90 0.23
N TYR C 343 0.70 -18.85 -0.58
CA TYR C 343 1.35 -18.90 -1.87
C TYR C 343 0.44 -19.68 -2.80
N SER C 344 -0.83 -19.30 -2.64
CA SER C 344 -1.97 -19.82 -3.40
C SER C 344 -2.23 -18.90 -4.59
N PHE C 345 -1.50 -19.19 -5.64
CA PHE C 345 -1.54 -18.44 -6.88
C PHE C 345 -2.72 -18.91 -7.74
N GLU C 346 -3.81 -18.19 -7.60
CA GLU C 346 -5.03 -18.45 -8.39
C GLU C 346 -4.82 -17.92 -9.80
N ALA C 347 -5.91 -17.86 -10.52
CA ALA C 347 -5.90 -17.38 -11.90
C ALA C 347 -7.30 -17.34 -12.47
N SER C 348 -7.45 -16.45 -13.43
CA SER C 348 -8.67 -16.28 -14.18
C SER C 348 -8.34 -15.94 -15.64
N THR C 349 -9.23 -15.17 -16.21
CA THR C 349 -9.21 -14.87 -17.65
C THR C 349 -8.00 -13.97 -18.05
N GLN C 350 -7.42 -13.31 -17.06
CA GLN C 350 -6.29 -12.35 -17.31
C GLN C 350 -4.91 -13.02 -17.07
N GLY C 351 -4.94 -14.03 -16.20
CA GLY C 351 -3.72 -14.84 -15.88
C GLY C 351 -3.61 -15.08 -14.38
N PRO C 352 -2.65 -15.92 -13.93
CA PRO C 352 -2.48 -16.20 -12.51
C PRO C 352 -2.15 -14.92 -11.73
N PHE C 353 -2.57 -14.94 -10.46
CA PHE C 353 -2.33 -13.84 -9.47
C PHE C 353 -2.48 -14.41 -8.01
N LYS C 354 -1.53 -14.01 -7.12
CA LYS C 354 -1.48 -14.48 -5.67
C LYS C 354 -2.79 -14.10 -4.93
N THR C 355 -3.03 -14.83 -3.83
CA THR C 355 -4.25 -14.65 -2.99
C THR C 355 -3.93 -13.74 -1.81
N PRO C 356 -4.57 -12.56 -1.72
CA PRO C 356 -4.32 -11.61 -0.64
C PRO C 356 -4.61 -12.23 0.70
N ILE C 357 -4.15 -11.53 1.73
CA ILE C 357 -4.32 -11.92 3.14
C ILE C 357 -4.23 -10.69 4.06
N ALA C 358 -5.13 -10.65 5.02
CA ALA C 358 -5.22 -9.56 6.00
C ALA C 358 -5.05 -10.11 7.42
N ALA C 359 -3.79 -10.39 7.74
CA ALA C 359 -3.42 -10.94 9.05
C ALA C 359 -2.26 -10.13 9.65
N GLY C 360 -2.35 -9.96 10.96
CA GLY C 360 -1.35 -9.23 11.75
C GLY C 360 0.00 -9.93 11.66
N ARG C 361 0.49 -10.33 12.82
CA ARG C 361 1.78 -11.02 12.93
C ARG C 361 1.54 -12.48 13.35
N GLY C 362 1.58 -12.72 14.64
CA GLY C 362 1.42 -14.07 15.19
C GLY C 362 2.78 -14.76 15.16
N GLY C 363 3.26 -15.04 16.35
CA GLY C 363 4.59 -15.62 16.55
C GLY C 363 5.58 -14.47 16.62
N ALA C 364 6.52 -14.59 17.52
CA ALA C 364 7.54 -13.55 17.74
C ALA C 364 8.40 -13.39 16.48
N GLN C 365 8.59 -12.13 16.07
CA GLN C 365 9.42 -11.87 14.90
C GLN C 365 10.80 -12.43 15.14
N THR C 366 10.77 -13.74 15.10
CA THR C 366 11.90 -14.63 15.29
C THR C 366 11.37 -16.01 14.94
N ASP C 367 10.09 -15.95 14.62
CA ASP C 367 9.24 -17.07 14.20
C ASP C 367 8.05 -16.47 13.44
N GLU C 368 8.27 -16.36 12.15
CA GLU C 368 7.34 -15.73 11.23
C GLU C 368 6.65 -16.71 10.28
N ASN C 369 6.93 -16.40 9.04
CA ASN C 369 6.44 -17.04 7.83
C ASN C 369 5.96 -15.91 6.92
N GLN C 370 6.52 -14.76 7.24
CA GLN C 370 6.27 -13.48 6.56
C GLN C 370 5.40 -13.68 5.32
N ALA C 371 4.93 -14.90 5.18
CA ALA C 371 4.09 -15.29 4.03
C ALA C 371 2.65 -15.54 4.50
N ALA C 372 2.54 -16.47 5.42
CA ALA C 372 1.26 -16.90 5.99
C ALA C 372 0.37 -15.70 6.33
N ASP C 373 0.96 -14.73 7.02
CA ASP C 373 0.27 -13.53 7.48
C ASP C 373 0.56 -12.35 6.54
N GLY C 374 0.89 -12.70 5.33
CA GLY C 374 1.20 -11.74 4.25
C GLY C 374 1.63 -10.37 4.80
N ASN C 375 2.94 -10.25 4.96
CA ASN C 375 3.58 -8.98 5.39
C ASN C 375 3.93 -8.23 4.11
N PRO C 376 3.56 -6.92 4.01
CA PRO C 376 3.86 -6.13 2.85
C PRO C 376 5.33 -6.02 2.64
N ARG C 377 5.65 -5.72 1.42
CA ARG C 377 7.01 -5.51 0.95
C ARG C 377 7.03 -4.23 0.12
N TYR C 378 7.98 -3.37 0.42
CA TYR C 378 8.05 -2.03 -0.23
C TYR C 378 9.44 -1.77 -0.85
N ALA C 379 9.38 -1.41 -2.15
CA ALA C 379 10.57 -1.07 -2.97
C ALA C 379 10.42 0.35 -3.57
N PHE C 380 11.29 1.22 -3.09
CA PHE C 380 11.35 2.63 -3.54
C PHE C 380 12.79 2.95 -3.90
N GLY C 381 13.05 4.19 -4.27
CA GLY C 381 14.41 4.57 -4.68
C GLY C 381 14.60 6.08 -4.81
N ARG C 382 15.48 6.56 -3.96
CA ARG C 382 16.01 7.93 -3.97
C ARG C 382 14.92 9.04 -3.72
N GLN C 383 13.75 8.90 -4.34
CA GLN C 383 12.72 10.00 -4.24
C GLN C 383 11.58 9.65 -3.25
N HIS C 384 11.67 8.51 -2.63
CA HIS C 384 10.65 8.06 -1.66
C HIS C 384 11.30 7.18 -0.61
N GLY C 385 12.35 7.74 -0.04
CA GLY C 385 13.17 7.09 0.98
C GLY C 385 14.56 6.87 0.40
N GLN C 386 15.22 5.85 0.89
CA GLN C 386 16.57 5.50 0.43
C GLN C 386 17.49 6.72 0.51
N LYS C 387 18.75 6.43 0.76
CA LYS C 387 19.81 7.44 0.88
C LYS C 387 19.99 8.16 -0.45
N THR C 388 19.73 9.45 -0.39
CA THR C 388 19.81 10.35 -1.55
C THR C 388 21.18 10.22 -2.25
N THR C 389 22.22 10.09 -1.46
CA THR C 389 23.59 9.99 -2.00
C THR C 389 23.97 8.53 -2.29
N THR C 390 23.06 7.87 -2.97
CA THR C 390 23.24 6.47 -3.39
C THR C 390 23.43 6.45 -4.91
N THR C 391 23.66 5.26 -5.42
CA THR C 391 23.88 5.08 -6.87
C THR C 391 23.38 3.71 -7.33
N GLY C 392 23.15 3.63 -8.62
CA GLY C 392 22.68 2.42 -9.29
C GLY C 392 21.15 2.38 -9.28
N GLU C 393 20.65 1.31 -9.88
CA GLU C 393 19.20 1.07 -9.99
C GLU C 393 18.82 -0.20 -9.22
N THR C 394 18.99 -0.10 -7.90
CA THR C 394 18.69 -1.21 -6.97
C THR C 394 17.92 -0.66 -5.76
N PRO C 395 16.61 -0.93 -5.67
CA PRO C 395 15.77 -0.41 -4.59
C PRO C 395 16.19 -0.87 -3.23
N GLU C 396 15.59 -0.25 -2.27
CA GLU C 396 15.71 -0.63 -0.88
C GLU C 396 14.33 -0.85 -0.37
N ARG C 397 14.19 -1.78 0.49
CA ARG C 397 12.88 -2.13 0.95
C ARG C 397 12.90 -2.66 2.34
N PHE C 398 11.71 -2.82 2.83
CA PHE C 398 11.46 -3.33 4.13
C PHE C 398 10.17 -4.11 4.13
N THR C 399 10.21 -5.15 4.90
CA THR C 399 9.09 -6.00 5.15
C THR C 399 8.44 -5.60 6.47
N TYR C 400 7.50 -4.69 6.35
CA TYR C 400 6.77 -4.16 7.49
C TYR C 400 6.07 -5.29 8.26
N ILE C 401 6.40 -5.34 9.54
CA ILE C 401 5.85 -6.31 10.48
C ILE C 401 5.13 -5.56 11.62
N ALA C 402 3.81 -5.59 11.51
CA ALA C 402 2.90 -4.90 12.46
C ALA C 402 3.20 -5.29 13.91
N HIS C 403 2.25 -4.91 14.78
CA HIS C 403 2.31 -5.15 16.22
C HIS C 403 1.18 -6.11 16.63
N GLN C 404 0.04 -5.90 15.96
CA GLN C 404 -1.19 -6.72 16.20
C GLN C 404 -0.87 -8.18 15.92
N ASP C 405 -1.46 -9.03 16.74
CA ASP C 405 -1.26 -10.47 16.65
C ASP C 405 -2.57 -11.21 16.40
N THR C 406 -2.87 -11.29 15.13
CA THR C 406 -4.01 -12.03 14.62
C THR C 406 -3.48 -13.12 13.67
N GLY C 407 -2.19 -12.90 13.30
CA GLY C 407 -1.42 -13.79 12.41
C GLY C 407 -1.25 -15.17 13.04
N ARG C 408 -0.59 -16.05 12.29
CA ARG C 408 -0.47 -17.47 12.70
C ARG C 408 0.93 -18.06 12.39
N TYR C 409 1.21 -19.12 13.19
CA TYR C 409 2.39 -19.99 13.06
C TYR C 409 1.91 -21.34 12.49
N PRO C 410 1.63 -21.40 11.19
CA PRO C 410 1.02 -22.59 10.58
C PRO C 410 1.88 -23.85 10.79
N GLU C 411 2.89 -23.73 11.62
CA GLU C 411 3.83 -24.86 11.90
C GLU C 411 3.58 -25.45 13.30
N GLY C 412 2.36 -25.23 13.77
CA GLY C 412 1.92 -25.71 15.09
C GLY C 412 0.38 -25.81 15.15
N ASP C 413 -0.12 -26.52 14.18
CA ASP C 413 -1.55 -26.84 14.07
C ASP C 413 -1.72 -28.33 13.97
N TRP C 414 -2.91 -28.75 13.67
CA TRP C 414 -3.16 -30.15 13.41
C TRP C 414 -4.61 -30.46 13.30
N ILE C 415 -4.85 -31.46 12.47
CA ILE C 415 -6.13 -32.00 12.22
C ILE C 415 -6.15 -33.50 12.61
N GLN C 416 -6.98 -33.84 13.61
CA GLN C 416 -7.09 -35.24 14.12
C GLN C 416 -8.53 -35.77 14.05
N ASN C 417 -8.65 -37.07 14.37
CA ASN C 417 -9.93 -37.82 14.32
C ASN C 417 -10.91 -37.37 15.42
N ILE C 418 -12.17 -37.58 15.08
CA ILE C 418 -13.35 -37.22 15.89
C ILE C 418 -13.35 -37.95 17.25
N ASN C 419 -12.63 -39.04 17.29
CA ASN C 419 -12.55 -39.90 18.49
C ASN C 419 -11.60 -39.31 19.54
N PHE C 420 -10.76 -38.39 19.10
CA PHE C 420 -9.78 -37.75 19.99
C PHE C 420 -8.83 -38.79 20.52
N ASN C 421 -9.37 -39.56 21.43
CA ASN C 421 -8.66 -40.64 22.07
C ASN C 421 -7.15 -40.47 21.92
N LEU C 422 -6.63 -39.38 22.46
CA LEU C 422 -5.18 -39.16 22.48
C LEU C 422 -4.58 -39.88 23.70
N PRO C 423 -3.25 -39.95 23.83
CA PRO C 423 -2.36 -39.30 22.90
C PRO C 423 -2.67 -39.73 21.49
N VAL C 424 -2.94 -38.74 20.64
CA VAL C 424 -3.29 -38.96 19.23
C VAL C 424 -2.21 -39.81 18.56
N THR C 425 -2.67 -40.59 17.61
CA THR C 425 -1.82 -41.48 16.82
C THR C 425 -1.72 -40.96 15.40
N ASN C 426 -0.58 -41.26 14.80
CA ASN C 426 -0.26 -40.82 13.43
C ASN C 426 -1.50 -40.88 12.55
N ASP C 427 -1.86 -42.10 12.21
CA ASP C 427 -3.00 -42.38 11.34
C ASP C 427 -4.25 -41.60 11.78
N ASN C 428 -4.11 -40.91 12.90
CA ASN C 428 -5.26 -40.18 13.51
C ASN C 428 -4.99 -38.66 13.62
N VAL C 429 -3.98 -38.20 12.90
CA VAL C 429 -3.60 -36.76 12.92
C VAL C 429 -2.79 -36.38 11.67
N LEU C 430 -3.26 -35.35 10.99
CA LEU C 430 -2.56 -34.76 9.84
C LEU C 430 -1.90 -33.45 10.28
N LEU C 431 -0.58 -33.51 10.39
CA LEU C 431 0.24 -32.40 10.91
C LEU C 431 0.88 -31.58 9.79
N PRO C 432 1.61 -30.49 10.14
CA PRO C 432 2.26 -29.64 9.16
C PRO C 432 3.34 -30.37 8.41
N THR C 433 4.07 -31.19 9.14
CA THR C 433 5.19 -31.94 8.59
C THR C 433 4.72 -32.96 7.51
N ASP C 434 3.54 -33.51 7.74
CA ASP C 434 2.95 -34.59 6.88
C ASP C 434 2.54 -34.04 5.49
N PRO C 435 3.20 -34.51 4.40
CA PRO C 435 2.91 -34.04 3.03
C PRO C 435 1.46 -34.34 2.63
N ILE C 436 1.01 -33.59 1.62
CA ILE C 436 -0.36 -33.70 1.07
C ILE C 436 -0.31 -33.57 -0.45
N GLY C 437 -0.64 -34.66 -1.07
CA GLY C 437 -0.60 -34.76 -2.51
C GLY C 437 0.61 -35.59 -2.93
N GLY C 438 1.34 -36.06 -1.93
CA GLY C 438 2.50 -36.94 -2.15
C GLY C 438 3.82 -36.14 -2.20
N LYS C 439 3.72 -34.89 -2.57
CA LYS C 439 4.89 -33.98 -2.65
C LYS C 439 5.28 -33.57 -1.23
N THR C 440 6.55 -33.33 -1.08
CA THR C 440 7.16 -32.96 0.21
C THR C 440 6.68 -31.59 0.67
N GLY C 441 7.30 -30.62 0.06
CA GLY C 441 7.16 -29.21 0.38
C GLY C 441 5.72 -28.82 0.76
N ILE C 442 4.75 -29.57 0.26
CA ILE C 442 3.32 -29.22 0.44
C ILE C 442 2.78 -29.64 1.82
N ASN C 443 1.70 -28.94 2.20
CA ASN C 443 0.99 -29.12 3.46
C ASN C 443 -0.49 -29.04 3.24
N TYR C 444 -1.18 -29.22 4.33
CA TYR C 444 -2.59 -28.97 4.41
C TYR C 444 -2.77 -27.55 4.90
N THR C 445 -1.67 -27.07 5.53
CA THR C 445 -1.53 -25.69 5.97
C THR C 445 -1.48 -24.78 4.76
N ASN C 446 -0.80 -25.30 3.76
CA ASN C 446 -0.59 -24.62 2.50
C ASN C 446 -1.93 -24.48 1.73
N ILE C 447 -2.82 -25.44 1.98
CA ILE C 447 -4.13 -25.58 1.23
C ILE C 447 -5.35 -25.26 2.15
N PHE C 448 -5.02 -24.94 3.37
CA PHE C 448 -6.00 -24.74 4.50
C PHE C 448 -6.70 -23.33 4.42
N ASN C 449 -8.03 -23.33 4.71
CA ASN C 449 -8.85 -22.07 4.78
C ASN C 449 -9.87 -22.15 5.93
N THR C 450 -9.46 -21.60 7.06
CA THR C 450 -10.31 -21.51 8.25
C THR C 450 -10.79 -20.10 8.42
N TYR C 451 -11.87 -19.85 7.75
CA TYR C 451 -12.55 -18.58 7.82
C TYR C 451 -14.02 -18.83 8.00
N GLY C 452 -14.42 -18.59 9.20
CA GLY C 452 -15.76 -18.88 9.62
C GLY C 452 -16.49 -17.62 9.96
N PRO C 453 -17.79 -17.67 10.04
CA PRO C 453 -18.57 -16.55 10.42
C PRO C 453 -18.20 -16.09 11.84
N LEU C 454 -17.10 -16.67 12.35
CA LEU C 454 -16.63 -16.40 13.74
C LEU C 454 -15.27 -15.69 13.73
N THR C 455 -14.75 -15.49 12.54
CA THR C 455 -13.46 -14.83 12.33
C THR C 455 -13.56 -13.32 12.71
N ALA C 456 -12.73 -12.96 13.68
CA ALA C 456 -12.52 -11.54 14.09
C ALA C 456 -11.28 -11.00 13.36
N LEU C 457 -11.32 -9.72 13.03
CA LEU C 457 -10.28 -9.11 12.15
C LEU C 457 -10.05 -7.64 12.46
N ASN C 458 -8.83 -7.21 12.14
CA ASN C 458 -8.37 -5.82 12.23
C ASN C 458 -7.70 -5.41 10.90
N ASN C 459 -8.11 -4.24 10.42
CA ASN C 459 -7.67 -3.70 9.10
C ASN C 459 -6.13 -3.46 9.10
N VAL C 460 -5.63 -3.24 7.88
CA VAL C 460 -4.17 -3.05 7.61
C VAL C 460 -3.74 -1.68 8.03
N PRO C 461 -2.81 -1.60 8.98
CA PRO C 461 -2.37 -0.33 9.53
C PRO C 461 -1.64 0.50 8.51
N PRO C 462 -1.48 1.82 8.74
CA PRO C 462 -0.67 2.67 7.87
C PRO C 462 0.82 2.17 7.89
N VAL C 463 1.43 2.21 6.67
CA VAL C 463 2.89 1.84 6.45
C VAL C 463 3.64 3.08 5.90
N TYR C 464 4.19 3.86 6.82
CA TYR C 464 4.78 5.17 6.51
C TYR C 464 6.33 5.13 6.48
N PRO C 465 6.97 5.97 5.62
CA PRO C 465 6.23 6.77 4.62
C PRO C 465 5.57 5.83 3.57
N ASN C 466 6.31 5.64 2.47
CA ASN C 466 5.93 4.75 1.33
C ASN C 466 4.37 4.53 1.30
N GLY C 467 3.92 3.50 2.01
CA GLY C 467 2.48 3.10 2.11
C GLY C 467 1.51 4.15 1.47
N GLN C 468 0.31 3.65 1.14
CA GLN C 468 -0.82 4.44 0.53
C GLN C 468 -1.73 4.99 1.65
N ILE C 469 -2.57 5.96 1.29
CA ILE C 469 -3.49 6.63 2.24
C ILE C 469 -4.93 6.09 2.12
N TRP C 470 -5.56 6.50 1.04
CA TRP C 470 -6.95 6.11 0.71
C TRP C 470 -6.99 5.47 -0.68
N ASP C 471 -7.91 4.53 -0.85
CA ASP C 471 -8.06 3.81 -2.13
C ASP C 471 -9.53 3.61 -2.49
N LYS C 472 -9.86 4.06 -3.68
CA LYS C 472 -11.20 3.86 -4.24
C LYS C 472 -11.71 2.50 -3.75
N GLU C 473 -12.93 2.20 -4.11
CA GLU C 473 -13.58 0.93 -3.72
C GLU C 473 -14.17 0.25 -4.96
N PHE C 474 -14.08 -1.07 -4.94
CA PHE C 474 -14.58 -1.91 -6.03
C PHE C 474 -16.07 -1.60 -6.26
N ASP C 475 -16.46 -1.69 -7.52
CA ASP C 475 -17.82 -1.37 -7.98
C ASP C 475 -18.71 -2.63 -8.03
N THR C 476 -18.28 -3.61 -7.28
CA THR C 476 -18.98 -4.90 -7.20
C THR C 476 -20.06 -4.85 -6.10
N ASP C 477 -21.24 -5.33 -6.47
CA ASP C 477 -22.40 -5.40 -5.57
C ASP C 477 -21.94 -5.79 -4.16
N LEU C 478 -21.09 -6.79 -4.15
CA LEU C 478 -20.44 -7.29 -2.93
C LEU C 478 -19.03 -6.72 -2.90
N LYS C 479 -18.63 -6.27 -1.74
CA LYS C 479 -17.35 -5.57 -1.63
C LYS C 479 -16.47 -6.13 -0.53
N PRO C 480 -15.14 -6.01 -0.72
CA PRO C 480 -14.17 -6.45 0.26
C PRO C 480 -14.39 -5.71 1.55
N ARG C 481 -14.24 -6.45 2.64
CA ARG C 481 -14.41 -5.91 4.01
C ARG C 481 -13.38 -4.81 4.29
N LEU C 482 -12.17 -5.07 3.81
CA LEU C 482 -11.04 -4.15 3.96
C LEU C 482 -10.02 -4.41 2.86
N HIS C 483 -9.23 -3.37 2.58
CA HIS C 483 -8.14 -3.41 1.60
C HIS C 483 -6.81 -3.68 2.31
N VAL C 484 -5.84 -4.10 1.53
CA VAL C 484 -4.52 -4.50 2.05
C VAL C 484 -3.45 -3.44 1.72
N ASN C 485 -3.85 -2.46 0.97
CA ASN C 485 -2.92 -1.43 0.48
C ASN C 485 -3.10 -0.08 1.22
N ALA C 486 -4.30 0.14 1.74
CA ALA C 486 -4.64 1.46 2.37
C ALA C 486 -5.50 1.30 3.63
N PRO C 487 -5.17 2.06 4.71
CA PRO C 487 -5.98 2.05 5.93
C PRO C 487 -7.41 2.56 5.64
N PHE C 488 -7.50 3.51 4.71
CA PHE C 488 -8.79 4.14 4.31
C PHE C 488 -9.22 3.72 2.95
N VAL C 489 -10.46 3.37 2.93
CA VAL C 489 -11.18 3.08 1.73
C VAL C 489 -12.48 3.88 1.77
N CYS C 490 -12.57 4.88 0.88
CA CYS C 490 -13.50 5.73 0.76
C CYS C 490 -15.02 4.85 0.49
N GLN C 491 -16.16 5.26 1.04
CA GLN C 491 -17.45 4.54 0.86
C GLN C 491 -18.18 5.06 -0.40
N ASN C 492 -17.92 6.32 -0.68
CA ASN C 492 -18.44 6.98 -1.89
C ASN C 492 -17.27 7.29 -2.80
N ASN C 493 -17.56 8.08 -3.79
CA ASN C 493 -16.54 8.52 -4.75
C ASN C 493 -15.38 9.19 -3.98
N CYS C 494 -14.14 9.02 -4.54
CA CYS C 494 -12.93 9.63 -3.96
C CYS C 494 -12.44 10.77 -4.87
N PRO C 495 -11.39 11.53 -4.47
CA PRO C 495 -10.89 12.61 -5.27
C PRO C 495 -10.50 12.12 -6.64
N GLY C 496 -10.77 13.00 -7.61
CA GLY C 496 -10.53 12.74 -9.00
C GLY C 496 -9.11 12.96 -9.32
N GLN C 497 -8.68 12.22 -10.14
CA GLN C 497 -7.36 12.22 -10.49
C GLN C 497 -7.01 13.49 -11.21
N LEU C 498 -5.85 13.96 -10.90
CA LEU C 498 -5.26 15.13 -11.50
C LEU C 498 -4.27 14.70 -12.56
N PHE C 499 -4.68 14.95 -13.79
CA PHE C 499 -3.85 14.66 -14.96
C PHE C 499 -3.24 15.96 -15.49
N VAL C 500 -1.92 15.98 -15.46
CA VAL C 500 -1.12 17.14 -15.90
C VAL C 500 -0.34 16.81 -17.19
N LYS C 501 -0.57 17.64 -18.22
CA LYS C 501 0.11 17.48 -19.54
C LYS C 501 0.64 18.83 -20.08
N VAL C 502 1.53 18.78 -21.06
CA VAL C 502 2.09 19.90 -21.84
C VAL C 502 1.38 20.00 -23.20
N ALA C 503 1.04 21.24 -23.53
CA ALA C 503 0.31 21.57 -24.78
C ALA C 503 1.27 21.54 -25.97
N PRO C 504 0.87 20.96 -27.11
CA PRO C 504 1.73 20.88 -28.28
C PRO C 504 2.11 22.28 -28.78
N ASN C 505 3.43 22.51 -28.81
CA ASN C 505 4.03 23.74 -29.39
C ASN C 505 4.54 23.40 -30.79
N LEU C 506 3.92 24.03 -31.78
CA LEU C 506 4.15 23.70 -33.21
C LEU C 506 5.04 24.72 -33.92
N THR C 507 5.75 24.16 -34.91
CA THR C 507 6.67 24.89 -35.78
C THR C 507 5.93 25.39 -37.03
N ASN C 508 6.73 25.87 -37.98
CA ASN C 508 6.21 26.53 -39.21
C ASN C 508 5.81 25.49 -40.26
N GLN C 509 6.16 24.26 -39.97
CA GLN C 509 5.86 23.11 -40.84
C GLN C 509 5.08 22.07 -40.07
N TYR C 510 3.93 21.75 -40.60
CA TYR C 510 3.05 20.76 -40.00
C TYR C 510 1.99 20.36 -40.96
N ASP C 511 2.11 19.13 -41.39
CA ASP C 511 1.14 18.56 -42.29
C ASP C 511 0.38 17.45 -41.61
N PRO C 512 -0.85 17.74 -41.20
CA PRO C 512 -1.70 16.77 -40.51
C PRO C 512 -2.01 15.52 -41.39
N ASP C 513 -1.54 15.53 -42.62
CA ASP C 513 -1.83 14.42 -43.60
C ASP C 513 -0.56 13.61 -43.86
N ALA C 514 0.25 13.52 -42.82
CA ALA C 514 1.53 12.83 -42.89
C ALA C 514 1.51 11.59 -42.00
N SER C 515 2.20 10.59 -42.51
CA SER C 515 2.35 9.29 -41.85
C SER C 515 3.17 9.44 -40.56
N ALA C 516 4.22 10.23 -40.68
CA ALA C 516 5.16 10.50 -39.56
C ALA C 516 4.46 11.43 -38.58
N ASN C 517 5.08 11.65 -37.46
CA ASN C 517 4.52 12.54 -36.44
C ASN C 517 5.34 13.83 -36.37
N MET C 518 4.70 14.86 -36.88
CA MET C 518 5.24 16.22 -36.96
C MET C 518 6.46 16.41 -36.08
N SER C 519 6.89 17.67 -36.07
CA SER C 519 8.04 18.14 -35.29
C SER C 519 7.63 19.40 -34.53
N ARG C 520 7.66 19.27 -33.22
CA ARG C 520 7.27 20.36 -32.31
C ARG C 520 8.49 20.97 -31.63
N ILE C 521 8.24 22.13 -31.09
CA ILE C 521 9.22 22.87 -30.31
C ILE C 521 9.42 22.16 -28.95
N VAL C 522 10.67 21.77 -28.73
CA VAL C 522 11.08 21.10 -27.48
C VAL C 522 10.73 21.97 -26.29
N THR C 523 9.55 21.73 -25.77
CA THR C 523 9.00 22.50 -24.65
C THR C 523 8.81 21.62 -23.40
N TYR C 524 9.11 22.26 -22.29
CA TYR C 524 8.88 21.68 -20.95
C TYR C 524 8.37 22.80 -20.05
N SER C 525 7.84 22.40 -18.93
CA SER C 525 7.27 23.35 -17.98
C SER C 525 7.37 22.81 -16.56
N ASP C 526 7.71 23.73 -15.69
CA ASP C 526 7.82 23.47 -14.25
C ASP C 526 6.80 24.35 -13.52
N PHE C 527 6.06 23.71 -12.65
CA PHE C 527 5.01 24.40 -11.86
C PHE C 527 5.02 23.90 -10.41
N TRP C 528 4.58 24.80 -9.54
CA TRP C 528 4.48 24.55 -8.10
C TRP C 528 3.10 23.98 -7.75
N TRP C 529 3.15 22.89 -7.00
CA TRP C 529 1.96 22.17 -6.51
C TRP C 529 1.91 22.26 -4.99
N LYS C 530 0.73 22.48 -4.49
CA LYS C 530 0.48 22.61 -3.05
C LYS C 530 -0.65 21.69 -2.66
N GLY C 531 -0.59 21.23 -1.44
CA GLY C 531 -1.57 20.29 -0.93
C GLY C 531 -1.93 20.57 0.51
N LYS C 532 -3.21 20.40 0.74
CA LYS C 532 -3.81 20.51 2.06
C LYS C 532 -4.67 19.28 2.33
N LEU C 533 -4.11 18.42 3.13
CA LEU C 533 -4.76 17.18 3.58
C LEU C 533 -5.18 17.39 5.05
N VAL C 534 -6.42 17.08 5.35
CA VAL C 534 -6.98 17.32 6.72
C VAL C 534 -7.35 16.00 7.42
N PHE C 535 -6.84 15.89 8.65
CA PHE C 535 -7.07 14.72 9.51
C PHE C 535 -7.57 15.18 10.89
N LYS C 536 -8.47 14.38 11.42
CA LYS C 536 -9.05 14.63 12.76
C LYS C 536 -8.93 13.34 13.60
N ALA C 537 -8.22 13.47 14.73
CA ALA C 537 -7.95 12.31 15.61
C ALA C 537 -8.07 12.69 17.11
N LYS C 538 -8.07 11.60 17.89
CA LYS C 538 -8.27 11.60 19.34
C LYS C 538 -6.93 11.37 20.09
N LEU C 539 -6.91 11.88 21.32
CA LEU C 539 -5.74 11.77 22.24
C LEU C 539 -5.91 10.56 23.15
N ARG C 540 -4.80 9.91 23.37
CA ARG C 540 -4.74 8.72 24.21
C ARG C 540 -4.56 9.10 25.67
N ALA C 541 -5.31 8.40 26.48
CA ALA C 541 -5.22 8.50 27.95
C ALA C 541 -4.45 7.28 28.45
N SER C 542 -3.98 7.34 29.66
CA SER C 542 -3.26 6.19 30.29
C SER C 542 -4.25 5.43 31.20
N HIS C 543 -4.21 4.10 31.12
CA HIS C 543 -5.19 3.26 31.88
C HIS C 543 -4.55 2.07 32.58
N THR C 544 -3.34 1.75 32.20
CA THR C 544 -2.61 0.63 32.81
C THR C 544 -1.84 1.13 34.02
N TRP C 545 -0.61 0.68 34.07
CA TRP C 545 0.35 1.08 35.10
C TRP C 545 1.73 1.06 34.49
N ASN C 546 1.84 0.12 33.59
CA ASN C 546 3.03 -0.08 32.79
C ASN C 546 3.01 0.89 31.63
N PRO C 547 4.13 1.58 31.38
CA PRO C 547 4.22 2.50 30.27
C PRO C 547 3.94 1.76 28.98
N ILE C 548 3.49 2.52 27.99
CA ILE C 548 3.20 1.98 26.65
C ILE C 548 4.39 2.23 25.72
N GLN C 549 4.51 1.38 24.72
CA GLN C 549 5.61 1.46 23.74
C GLN C 549 5.44 2.71 22.86
N GLN C 550 6.43 3.59 23.00
CA GLN C 550 6.48 4.86 22.25
C GLN C 550 7.65 4.82 21.25
N MET C 551 7.68 5.82 20.41
CA MET C 551 8.73 6.02 19.37
C MET C 551 9.80 6.97 19.94
N SER C 552 11.07 6.67 19.66
CA SER C 552 12.19 7.49 20.22
C SER C 552 13.42 7.51 19.31
N ILE C 553 14.39 8.30 19.76
CA ILE C 553 15.68 8.50 19.09
C ILE C 553 16.78 7.84 19.91
N ASN C 554 17.29 6.78 19.36
CA ASN C 554 18.38 6.02 19.96
C ASN C 554 19.70 6.54 19.47
N VAL C 555 20.73 5.86 19.88
CA VAL C 555 22.08 6.16 19.45
C VAL C 555 22.32 5.47 18.10
N ASP C 556 21.31 4.70 17.72
CA ASP C 556 21.31 3.92 16.47
C ASP C 556 20.32 4.50 15.45
N ASN C 557 19.58 5.50 15.90
CA ASN C 557 18.58 6.20 15.07
C ASN C 557 19.17 7.51 14.53
N GLN C 558 19.47 8.36 15.49
CA GLN C 558 20.07 9.68 15.29
C GLN C 558 20.25 10.04 13.80
N PHE C 559 21.28 9.45 13.23
CA PHE C 559 21.74 9.72 11.85
C PHE C 559 20.89 9.00 10.79
N ASN C 560 19.64 8.84 11.13
CA ASN C 560 18.65 8.24 10.24
C ASN C 560 17.63 9.32 9.89
N TYR C 561 17.72 10.39 10.68
CA TYR C 561 16.81 11.53 10.59
C TYR C 561 17.53 12.88 10.44
N VAL C 562 18.73 12.87 9.86
CA VAL C 562 19.48 14.13 9.68
C VAL C 562 20.34 14.10 8.42
N PRO C 563 20.41 15.23 7.69
CA PRO C 563 21.23 15.31 6.49
C PRO C 563 22.66 15.03 6.82
N SER C 564 23.44 14.77 5.78
CA SER C 564 24.88 14.46 5.92
C SER C 564 25.73 15.50 5.20
N ASN C 565 26.95 15.59 5.69
CA ASN C 565 27.97 16.55 5.22
C ASN C 565 27.78 16.92 3.73
N ILE C 566 27.19 16.03 2.98
CA ILE C 566 26.98 16.25 1.52
C ILE C 566 25.51 16.61 1.24
N GLY C 567 24.66 16.20 2.16
CA GLY C 567 23.22 16.44 2.07
C GLY C 567 22.50 15.17 1.63
N GLY C 568 22.86 14.09 2.29
CA GLY C 568 22.27 12.76 2.05
C GLY C 568 21.05 12.59 2.94
N MET C 569 19.91 12.45 2.28
CA MET C 569 18.62 12.32 2.96
C MET C 569 17.96 10.99 2.59
N LYS C 570 17.14 10.56 3.51
CA LYS C 570 16.37 9.33 3.39
C LYS C 570 15.39 9.25 4.55
N ILE C 571 14.27 8.64 4.26
CA ILE C 571 13.20 8.44 5.23
C ILE C 571 12.97 6.95 5.44
N VAL C 572 13.11 6.57 6.69
CA VAL C 572 12.94 5.19 7.11
C VAL C 572 11.48 4.90 7.39
N TYR C 573 11.16 3.63 7.30
CA TYR C 573 9.83 3.12 7.62
C TYR C 573 9.72 2.92 9.11
N GLU C 574 8.56 3.17 9.62
CA GLU C 574 8.31 3.06 11.04
C GLU C 574 6.89 2.63 11.29
N LYS C 575 6.84 1.77 12.28
CA LYS C 575 5.62 1.15 12.75
C LYS C 575 4.59 2.21 13.11
N SER C 576 3.37 1.87 12.77
CA SER C 576 2.20 2.72 12.97
C SER C 576 1.60 2.51 14.37
N GLN C 577 0.89 1.39 14.49
CA GLN C 577 0.15 1.03 15.72
C GLN C 577 1.10 0.38 16.76
N LEU C 578 1.50 1.22 17.69
CA LEU C 578 2.34 0.80 18.84
C LEU C 578 1.76 1.35 20.13
N ALA C 579 0.73 0.65 20.58
CA ALA C 579 -0.01 0.99 21.81
C ALA C 579 -1.10 -0.06 22.05
N PRO C 580 -1.10 -0.73 23.22
CA PRO C 580 -2.05 -1.81 23.47
C PRO C 580 -3.48 -1.36 23.35
N ARG C 581 -4.32 -2.38 23.33
CA ARG C 581 -5.78 -2.26 23.24
C ARG C 581 -6.36 -3.63 23.59
N LYS C 582 -7.61 -3.62 23.98
CA LYS C 582 -8.28 -4.86 24.37
C LYS C 582 -9.19 -5.33 23.27
N LEU C 583 -9.12 -6.62 23.04
CA LEU C 583 -9.93 -7.31 22.04
C LEU C 583 -11.14 -7.94 22.70
N TYR C 584 -11.07 -8.05 24.02
CA TYR C 584 -12.12 -8.72 24.78
C TYR C 584 -11.84 -8.67 26.29
#